data_2OW9
#
_entry.id   2OW9
#
_cell.length_a   140.764
_cell.length_b   36.343
_cell.length_c   71.684
_cell.angle_alpha   90.000
_cell.angle_beta   93.530
_cell.angle_gamma   90.000
#
_symmetry.space_group_name_H-M   'C 1 2 1'
#
loop_
_entity.id
_entity.type
_entity.pdbx_description
1 polymer 'Collagenase 3'
2 non-polymer 'ZINC ION'
3 non-polymer 'CALCIUM ION'
4 non-polymer 'SULFATE ION'
5 non-polymer 'BENZYL 6-BENZYL-5,7-DIOXO-6,7-DIHYDRO-5H-[1,3]THIAZOLO[3,2-C]PYRIMIDINE-2-CARBOXYLATE'
6 non-polymer 'ACETOHYDROXAMIC ACID'
7 water water
#
_entity_poly.entity_id   1
_entity_poly.type   'polypeptide(L)'
_entity_poly.pdbx_seq_one_letter_code
;MASYNVFPRTLKWSKMNLTYRIVNYTPDMTHSEVEKAFKKAFKVWSDVTPLNFTRLHDGIADIMISFGIKEHGDFYPFDG
PSGLLAHAFPPGPNYGGDAHFDDDETWTSSSKGYNLFLVAAHEFGHSLGLDHSKDPGALMFPIYTYTGKSHFMLPDDDVQ
GIQSLYGPGD
;
_entity_poly.pdbx_strand_id   A,B
#
# COMPACT_ATOMS: atom_id res chain seq x y z
N TYR A 4 13.03 -6.60 -15.86
CA TYR A 4 12.82 -5.96 -14.53
C TYR A 4 11.54 -5.13 -14.50
N ASN A 5 11.07 -4.82 -13.29
CA ASN A 5 9.95 -3.91 -13.10
C ASN A 5 10.22 -2.95 -11.95
N VAL A 6 9.91 -1.68 -12.18
CA VAL A 6 9.97 -0.68 -11.12
C VAL A 6 8.54 -0.39 -10.63
N PHE A 7 8.41 0.04 -9.38
CA PHE A 7 7.10 0.39 -8.83
C PHE A 7 6.49 1.55 -9.61
N PRO A 8 5.16 1.51 -9.83
CA PRO A 8 4.45 2.66 -10.41
C PRO A 8 4.65 3.89 -9.54
N ARG A 9 4.75 5.05 -10.18
CA ARG A 9 4.99 6.29 -9.45
C ARG A 9 3.72 6.92 -8.89
N THR A 10 2.57 6.60 -9.48
CA THR A 10 1.29 7.19 -9.08
C THR A 10 0.43 6.15 -8.37
N LEU A 11 -0.19 6.57 -7.27
CA LEU A 11 -1.18 5.74 -6.58
C LEU A 11 -2.50 5.84 -7.35
N LYS A 12 -2.64 4.98 -8.35
CA LYS A 12 -3.84 4.90 -9.18
C LYS A 12 -4.04 3.46 -9.60
N TRP A 13 -5.27 3.12 -10.02
CA TRP A 13 -5.55 1.79 -10.57
C TRP A 13 -5.02 1.70 -11.99
N SER A 14 -4.29 0.63 -12.29
CA SER A 14 -3.73 0.42 -13.63
C SER A 14 -4.63 -0.48 -14.48
N LYS A 15 -5.87 -0.67 -14.01
CA LYS A 15 -6.92 -1.38 -14.75
C LYS A 15 -8.21 -0.55 -14.63
N MET A 16 -9.03 -0.59 -15.67
CA MET A 16 -10.22 0.26 -15.72
C MET A 16 -11.48 -0.40 -15.14
N ASN A 17 -11.49 -1.74 -15.14
CA ASN A 17 -12.63 -2.50 -14.63
C ASN A 17 -12.37 -2.99 -13.20
N LEU A 18 -12.98 -2.29 -12.26
CA LEU A 18 -12.72 -2.51 -10.84
C LEU A 18 -13.91 -3.18 -10.19
N THR A 19 -13.65 -3.89 -9.09
CA THR A 19 -14.69 -4.59 -8.37
C THR A 19 -14.82 -4.07 -6.94
N TYR A 20 -16.03 -4.16 -6.41
CA TYR A 20 -16.26 -3.86 -5.02
C TYR A 20 -17.13 -4.92 -4.36
N ARG A 21 -17.05 -5.03 -3.04
CA ARG A 21 -17.84 -5.99 -2.29
C ARG A 21 -18.26 -5.36 -0.98
N ILE A 22 -19.55 -5.50 -0.66
CA ILE A 22 -20.10 -5.04 0.61
C ILE A 22 -19.95 -6.18 1.61
N VAL A 23 -18.96 -6.06 2.48
CA VAL A 23 -18.54 -7.13 3.39
C VAL A 23 -19.54 -7.30 4.54
N ASN A 24 -20.15 -6.19 4.96
CA ASN A 24 -21.23 -6.20 5.94
C ASN A 24 -22.06 -4.91 5.81
N TYR A 25 -23.15 -4.83 6.57
CA TYR A 25 -24.14 -3.75 6.40
C TYR A 25 -24.38 -3.02 7.71
N THR A 26 -24.60 -1.72 7.62
CA THR A 26 -25.12 -0.95 8.74
C THR A 26 -26.56 -1.37 9.06
N PRO A 27 -26.95 -1.31 10.34
CA PRO A 27 -28.34 -1.51 10.75
C PRO A 27 -29.28 -0.37 10.32
N ASP A 28 -28.70 0.79 9.98
CA ASP A 28 -29.46 2.03 9.80
C ASP A 28 -30.32 2.08 8.54
N MET A 29 -29.91 1.30 7.53
CA MET A 29 -30.56 1.31 6.22
C MET A 29 -30.74 -0.13 5.77
N THR A 30 -31.67 -0.34 4.83
CA THR A 30 -31.89 -1.68 4.29
C THR A 30 -30.71 -2.08 3.40
N HIS A 31 -30.53 -3.39 3.21
CA HIS A 31 -29.52 -3.91 2.28
C HIS A 31 -29.64 -3.19 0.94
N SER A 32 -30.88 -3.08 0.44
CA SER A 32 -31.15 -2.47 -0.85
C SER A 32 -30.74 -0.99 -0.90
N GLU A 33 -31.05 -0.25 0.17
CA GLU A 33 -30.71 1.16 0.24
C GLU A 33 -29.19 1.36 0.25
N VAL A 34 -28.49 0.51 1.02
CA VAL A 34 -27.03 0.56 1.11
C VAL A 34 -26.41 0.27 -0.27
N GLU A 35 -26.90 -0.77 -0.92
CA GLU A 35 -26.46 -1.16 -2.25
C GLU A 35 -26.66 -0.04 -3.25
N LYS A 36 -27.85 0.58 -3.22
CA LYS A 36 -28.19 1.70 -4.10
C LYS A 36 -27.27 2.91 -3.84
N ALA A 37 -27.01 3.19 -2.56
CA ALA A 37 -26.14 4.32 -2.20
C ALA A 37 -24.75 4.14 -2.78
N PHE A 38 -24.18 2.95 -2.62
CA PHE A 38 -22.82 2.68 -3.11
C PHE A 38 -22.78 2.69 -4.64
N LYS A 39 -23.77 2.07 -5.27
CA LYS A 39 -23.85 2.06 -6.73
C LYS A 39 -23.86 3.48 -7.31
N LYS A 40 -24.66 4.35 -6.71
CA LYS A 40 -24.74 5.76 -7.13
C LYS A 40 -23.42 6.49 -6.89
N ALA A 41 -22.77 6.22 -5.75
CA ALA A 41 -21.47 6.81 -5.41
C ALA A 41 -20.39 6.43 -6.41
N PHE A 42 -20.39 5.18 -6.86
CA PHE A 42 -19.45 4.76 -7.89
C PHE A 42 -19.75 5.43 -9.22
N LYS A 43 -21.03 5.61 -9.54
CA LYS A 43 -21.45 6.27 -10.77
C LYS A 43 -20.92 7.71 -10.88
N VAL A 44 -20.83 8.38 -9.74
CA VAL A 44 -20.24 9.72 -9.68
C VAL A 44 -18.88 9.74 -10.39
N TRP A 45 -18.08 8.70 -10.17
CA TRP A 45 -16.73 8.64 -10.72
C TRP A 45 -16.65 8.03 -12.11
N SER A 46 -17.44 6.98 -12.35
CA SER A 46 -17.48 6.33 -13.66
C SER A 46 -18.03 7.28 -14.73
N ASP A 47 -18.89 8.20 -14.32
CA ASP A 47 -19.46 9.21 -15.23
C ASP A 47 -18.42 10.17 -15.83
N VAL A 48 -17.30 10.37 -15.13
CA VAL A 48 -16.29 11.35 -15.57
C VAL A 48 -14.90 10.75 -15.87
N THR A 49 -14.82 9.42 -15.91
CA THR A 49 -13.56 8.70 -16.15
C THR A 49 -13.87 7.44 -16.98
N PRO A 50 -12.83 6.72 -17.44
CA PRO A 50 -13.06 5.43 -18.10
C PRO A 50 -13.28 4.25 -17.13
N LEU A 51 -13.31 4.53 -15.83
CA LEU A 51 -13.47 3.47 -14.83
C LEU A 51 -14.87 2.86 -14.84
N ASN A 52 -14.93 1.56 -14.62
CA ASN A 52 -16.18 0.82 -14.47
C ASN A 52 -16.15 0.05 -13.15
N PHE A 53 -17.32 -0.12 -12.53
CA PHE A 53 -17.41 -0.80 -11.23
C PHE A 53 -18.47 -1.89 -11.23
N THR A 54 -18.06 -3.06 -10.73
CA THR A 54 -18.89 -4.25 -10.65
C THR A 54 -18.94 -4.73 -9.19
N ARG A 55 -20.14 -5.04 -8.69
CA ARG A 55 -20.26 -5.60 -7.34
C ARG A 55 -20.11 -7.11 -7.31
N LEU A 56 -19.30 -7.59 -6.37
CA LEU A 56 -19.12 -9.02 -6.12
C LEU A 56 -19.79 -9.38 -4.80
N HIS A 57 -20.29 -10.61 -4.72
CA HIS A 57 -21.04 -11.07 -3.54
C HIS A 57 -20.20 -11.99 -2.64
N ASP A 58 -18.97 -12.25 -3.08
CA ASP A 58 -18.06 -13.14 -2.37
C ASP A 58 -16.65 -12.85 -2.84
N GLY A 59 -15.67 -13.40 -2.13
CA GLY A 59 -14.28 -13.34 -2.55
C GLY A 59 -13.64 -11.98 -2.34
N ILE A 60 -12.50 -11.78 -2.98
CA ILE A 60 -11.75 -10.57 -2.80
C ILE A 60 -12.06 -9.60 -3.94
N ALA A 61 -12.64 -8.46 -3.61
CA ALA A 61 -12.86 -7.38 -4.56
C ALA A 61 -11.74 -6.35 -4.40
N ASP A 62 -11.54 -5.53 -5.42
CA ASP A 62 -10.56 -4.44 -5.35
C ASP A 62 -10.88 -3.52 -4.17
N ILE A 63 -12.14 -3.14 -4.07
CA ILE A 63 -12.60 -2.22 -3.04
C ILE A 63 -13.52 -2.98 -2.08
N MET A 64 -12.94 -3.38 -0.95
CA MET A 64 -13.68 -4.09 0.10
C MET A 64 -14.30 -3.06 1.04
N ILE A 65 -15.63 -3.06 1.09
CA ILE A 65 -16.41 -2.08 1.85
C ILE A 65 -16.95 -2.73 3.12
N SER A 66 -16.77 -2.05 4.25
CA SER A 66 -17.28 -2.55 5.52
C SER A 66 -17.69 -1.44 6.50
N PHE A 67 -18.49 -1.83 7.47
CA PHE A 67 -18.95 -0.95 8.53
C PHE A 67 -18.38 -1.44 9.85
N GLY A 68 -17.83 -0.52 10.64
CA GLY A 68 -17.27 -0.87 11.94
C GLY A 68 -17.23 0.31 12.87
N ILE A 69 -16.89 0.05 14.12
CA ILE A 69 -16.79 1.14 15.10
C ILE A 69 -15.45 1.06 15.83
N LYS A 70 -15.00 2.20 16.36
CA LYS A 70 -13.78 2.30 17.17
C LYS A 70 -12.64 1.50 16.50
N GLU A 71 -11.98 0.63 17.25
CA GLU A 71 -10.92 -0.22 16.66
C GLU A 71 -11.56 -1.31 15.82
N HIS A 72 -11.14 -1.41 14.56
CA HIS A 72 -11.78 -2.36 13.64
C HIS A 72 -10.77 -3.05 12.70
N GLY A 73 -9.49 -3.01 13.07
CA GLY A 73 -8.46 -3.81 12.38
C GLY A 73 -7.49 -3.04 11.51
N ASP A 74 -7.20 -1.79 11.89
CA ASP A 74 -6.20 -0.97 11.19
C ASP A 74 -5.74 0.19 12.07
N PHE A 75 -4.93 1.09 11.51
CA PHE A 75 -4.40 2.23 12.26
C PHE A 75 -5.30 3.47 12.25
N TYR A 76 -6.55 3.29 11.81
CA TYR A 76 -7.47 4.42 11.70
C TYR A 76 -8.78 4.15 12.46
N PRO A 77 -8.69 3.97 13.79
CA PRO A 77 -9.88 3.70 14.57
C PRO A 77 -10.90 4.84 14.51
N PHE A 78 -12.16 4.48 14.56
CA PHE A 78 -13.22 5.47 14.59
C PHE A 78 -13.42 6.02 15.99
N ASP A 79 -14.31 7.01 16.09
CA ASP A 79 -14.34 7.91 17.24
C ASP A 79 -15.76 8.21 17.74
N GLY A 80 -16.71 7.31 17.44
CA GLY A 80 -18.09 7.53 17.83
C GLY A 80 -18.76 8.51 16.88
N PRO A 81 -19.95 9.04 17.25
CA PRO A 81 -20.70 9.92 16.35
C PRO A 81 -19.91 11.15 15.90
N SER A 82 -20.15 11.56 14.65
CA SER A 82 -19.46 12.68 13.98
C SER A 82 -17.93 12.50 13.95
N GLY A 83 -17.21 13.60 13.78
CA GLY A 83 -15.75 13.54 13.63
C GLY A 83 -15.41 12.75 12.39
N LEU A 84 -14.65 11.67 12.57
CA LEU A 84 -14.29 10.78 11.47
C LEU A 84 -15.53 9.98 11.05
N LEU A 85 -15.98 10.13 9.81
CA LEU A 85 -17.21 9.45 9.35
C LEU A 85 -16.93 8.12 8.68
N ALA A 86 -15.72 8.01 8.13
CA ALA A 86 -15.32 6.90 7.27
C ALA A 86 -13.90 7.21 6.85
N HIS A 87 -13.22 6.21 6.29
CA HIS A 87 -11.91 6.42 5.68
C HIS A 87 -11.68 5.35 4.63
N ALA A 88 -10.75 5.62 3.72
CA ALA A 88 -10.45 4.70 2.64
C ALA A 88 -8.97 4.76 2.29
N PHE A 89 -8.46 3.63 1.78
CA PHE A 89 -7.04 3.51 1.47
C PHE A 89 -6.80 3.85 0.00
N PRO A 90 -5.63 4.45 -0.32
CA PRO A 90 -5.29 4.75 -1.72
C PRO A 90 -5.22 3.50 -2.58
N PRO A 91 -5.31 3.64 -3.91
CA PRO A 91 -5.21 2.50 -4.80
C PRO A 91 -3.98 1.64 -4.53
N GLY A 92 -4.18 0.33 -4.59
CA GLY A 92 -3.11 -0.63 -4.38
C GLY A 92 -3.69 -1.99 -4.08
N PRO A 93 -2.82 -3.01 -3.97
CA PRO A 93 -3.28 -4.34 -3.61
C PRO A 93 -3.69 -4.41 -2.13
N ASN A 94 -4.35 -5.51 -1.76
CA ASN A 94 -4.76 -5.77 -0.37
C ASN A 94 -5.64 -4.68 0.23
N TYR A 95 -5.17 -3.99 1.27
CA TYR A 95 -5.96 -2.91 1.88
C TYR A 95 -6.27 -1.79 0.92
N GLY A 96 -5.41 -1.62 -0.09
CA GLY A 96 -5.56 -0.55 -1.07
C GLY A 96 -6.97 -0.49 -1.64
N GLY A 97 -7.53 0.72 -1.67
CA GLY A 97 -8.89 0.91 -2.19
C GLY A 97 -10.02 0.64 -1.20
N ASP A 98 -9.75 -0.12 -0.15
CA ASP A 98 -10.80 -0.51 0.80
C ASP A 98 -11.39 0.70 1.50
N ALA A 99 -12.68 0.63 1.79
CA ALA A 99 -13.40 1.75 2.39
C ALA A 99 -14.15 1.27 3.62
N HIS A 100 -13.88 1.93 4.75
CA HIS A 100 -14.52 1.58 6.04
C HIS A 100 -15.41 2.73 6.50
N PHE A 101 -16.63 2.38 6.91
CA PHE A 101 -17.59 3.38 7.38
C PHE A 101 -17.87 3.23 8.87
N ASP A 102 -17.94 4.36 9.57
CA ASP A 102 -18.16 4.38 11.02
C ASP A 102 -19.64 4.12 11.33
N ASP A 103 -19.94 2.96 11.92
CA ASP A 103 -21.34 2.64 12.24
C ASP A 103 -21.84 3.30 13.52
N ASP A 104 -21.01 4.16 14.11
CA ASP A 104 -21.50 5.08 15.13
C ASP A 104 -22.16 6.35 14.53
N GLU A 105 -22.13 6.47 13.21
CA GLU A 105 -22.93 7.48 12.52
C GLU A 105 -24.34 6.98 12.27
N THR A 106 -25.28 7.91 12.13
CA THR A 106 -26.62 7.60 11.67
C THR A 106 -26.63 7.77 10.15
N TRP A 107 -26.64 6.63 9.46
CA TRP A 107 -26.57 6.62 8.01
C TRP A 107 -27.97 6.68 7.43
N THR A 108 -28.15 7.55 6.42
CA THR A 108 -29.46 7.76 5.82
C THR A 108 -29.37 7.88 4.31
N SER A 109 -30.53 7.78 3.67
CA SER A 109 -30.68 8.10 2.26
C SER A 109 -31.39 9.46 2.10
N SER A 110 -31.35 10.26 3.17
CA SER A 110 -32.02 11.56 3.21
C SER A 110 -31.06 12.69 3.62
N SER A 111 -31.63 13.78 4.12
CA SER A 111 -30.84 14.94 4.59
C SER A 111 -30.52 14.84 6.08
N LYS A 112 -31.14 13.88 6.76
CA LYS A 112 -30.89 13.62 8.18
C LYS A 112 -29.60 12.82 8.36
N GLY A 113 -29.05 12.83 9.58
CA GLY A 113 -27.80 12.15 9.90
C GLY A 113 -26.70 12.43 8.88
N TYR A 114 -26.04 11.37 8.44
CA TYR A 114 -25.08 11.49 7.34
C TYR A 114 -25.56 10.67 6.16
N ASN A 115 -25.60 11.31 4.99
CA ASN A 115 -26.06 10.66 3.78
C ASN A 115 -24.98 9.69 3.31
N LEU A 116 -25.32 8.40 3.33
CA LEU A 116 -24.33 7.36 2.99
C LEU A 116 -23.76 7.55 1.59
N PHE A 117 -24.63 7.82 0.62
CA PHE A 117 -24.19 8.04 -0.76
C PHE A 117 -23.11 9.13 -0.81
N LEU A 118 -23.36 10.25 -0.14
CA LEU A 118 -22.47 11.41 -0.18
C LEU A 118 -21.09 11.09 0.41
N VAL A 119 -21.09 10.50 1.61
CA VAL A 119 -19.85 10.10 2.25
C VAL A 119 -19.13 9.03 1.40
N ALA A 120 -19.88 8.07 0.88
CA ALA A 120 -19.29 7.03 0.02
C ALA A 120 -18.63 7.62 -1.23
N ALA A 121 -19.28 8.59 -1.87
CA ALA A 121 -18.72 9.26 -3.05
C ALA A 121 -17.35 9.87 -2.72
N HIS A 122 -17.28 10.57 -1.58
CA HIS A 122 -16.03 11.13 -1.05
C HIS A 122 -15.00 10.04 -0.79
N GLU A 123 -15.39 8.99 -0.07
CA GLU A 123 -14.46 7.90 0.26
C GLU A 123 -13.93 7.19 -0.98
N PHE A 124 -14.82 6.94 -1.94
CA PHE A 124 -14.40 6.29 -3.18
C PHE A 124 -13.43 7.17 -3.99
N GLY A 125 -13.51 8.48 -3.81
CA GLY A 125 -12.50 9.40 -4.31
C GLY A 125 -11.12 9.01 -3.81
N HIS A 126 -11.01 8.77 -2.49
CA HIS A 126 -9.77 8.31 -1.88
C HIS A 126 -9.37 6.96 -2.45
N SER A 127 -10.33 6.04 -2.53
CA SER A 127 -10.13 4.69 -3.10
C SER A 127 -9.51 4.73 -4.49
N LEU A 128 -9.79 5.81 -5.23
CA LEU A 128 -9.34 5.98 -6.61
C LEU A 128 -8.07 6.83 -6.77
N GLY A 129 -7.64 7.46 -5.69
CA GLY A 129 -6.37 8.19 -5.68
C GLY A 129 -6.41 9.66 -5.34
N LEU A 130 -7.57 10.18 -4.94
CA LEU A 130 -7.67 11.59 -4.56
C LEU A 130 -7.45 11.80 -3.07
N ASP A 131 -6.64 12.80 -2.75
CA ASP A 131 -6.48 13.25 -1.37
C ASP A 131 -7.48 14.37 -1.14
N HIS A 132 -7.43 15.00 0.02
CA HIS A 132 -8.36 16.09 0.32
C HIS A 132 -8.08 17.36 -0.46
N SER A 133 -9.17 17.99 -0.90
CA SER A 133 -9.13 19.30 -1.54
C SER A 133 -9.09 20.40 -0.48
N LYS A 134 -8.58 21.57 -0.87
CA LYS A 134 -8.62 22.75 -0.01
C LYS A 134 -9.80 23.66 -0.35
N ASP A 135 -10.58 23.26 -1.35
CA ASP A 135 -11.76 24.01 -1.79
C ASP A 135 -12.97 23.57 -0.95
N PRO A 136 -13.52 24.48 -0.11
CA PRO A 136 -14.66 24.13 0.75
C PRO A 136 -15.87 23.58 0.00
N GLY A 137 -15.99 23.91 -1.29
CA GLY A 137 -17.10 23.44 -2.12
C GLY A 137 -16.89 22.09 -2.80
N ALA A 138 -15.68 21.54 -2.68
CA ALA A 138 -15.35 20.28 -3.37
C ALA A 138 -15.87 19.05 -2.61
N LEU A 139 -16.20 17.99 -3.36
CA LEU A 139 -16.58 16.72 -2.75
C LEU A 139 -15.45 16.19 -1.86
N MET A 140 -14.20 16.41 -2.30
CA MET A 140 -13.03 15.93 -1.57
C MET A 140 -12.55 16.83 -0.44
N PHE A 141 -13.28 17.92 -0.17
CA PHE A 141 -13.02 18.71 1.05
C PHE A 141 -13.20 17.77 2.25
N PRO A 142 -12.35 17.93 3.31
CA PRO A 142 -12.36 16.95 4.42
C PRO A 142 -13.66 16.89 5.22
N ILE A 143 -14.39 18.00 5.28
CA ILE A 143 -15.54 18.13 6.19
C ILE A 143 -16.89 18.08 5.47
N TYR A 144 -17.77 17.20 5.96
CA TYR A 144 -19.11 16.98 5.41
C TYR A 144 -19.98 18.23 5.55
N THR A 145 -20.41 18.77 4.41
CA THR A 145 -21.24 19.97 4.39
C THR A 145 -22.37 19.82 3.37
N TYR A 146 -23.47 19.18 3.80
CA TYR A 146 -24.64 19.02 2.94
C TYR A 146 -25.26 20.38 2.62
N THR A 147 -25.51 20.63 1.33
CA THR A 147 -25.87 21.96 0.85
C THR A 147 -27.38 22.25 0.87
N GLY A 148 -28.19 21.21 0.94
CA GLY A 148 -29.64 21.35 0.92
C GLY A 148 -30.21 21.30 -0.50
N LYS A 149 -29.31 21.27 -1.47
CA LYS A 149 -29.67 21.21 -2.89
C LYS A 149 -30.30 19.86 -3.21
N SER A 150 -31.14 19.84 -4.23
CA SER A 150 -31.98 18.67 -4.53
C SER A 150 -31.23 17.54 -5.25
N HIS A 151 -30.47 17.90 -6.29
CA HIS A 151 -29.77 16.91 -7.11
C HIS A 151 -28.26 17.03 -6.96
N PHE A 152 -27.57 15.89 -6.85
CA PHE A 152 -26.12 15.89 -6.72
C PHE A 152 -25.42 16.35 -8.00
N MET A 153 -24.43 17.20 -7.84
CA MET A 153 -23.53 17.58 -8.93
C MET A 153 -22.09 17.49 -8.43
N LEU A 154 -21.26 16.76 -9.19
CA LEU A 154 -19.84 16.64 -8.86
C LEU A 154 -19.15 17.98 -9.18
N PRO A 155 -18.58 18.64 -8.16
CA PRO A 155 -17.90 19.93 -8.38
C PRO A 155 -16.69 19.81 -9.30
N ASP A 156 -16.41 20.90 -10.02
CA ASP A 156 -15.33 20.92 -11.02
C ASP A 156 -13.97 20.55 -10.45
N ASP A 157 -13.72 20.91 -9.19
CA ASP A 157 -12.44 20.61 -8.57
C ASP A 157 -12.19 19.11 -8.54
N ASP A 158 -13.24 18.36 -8.25
CA ASP A 158 -13.18 16.89 -8.14
C ASP A 158 -13.06 16.24 -9.52
N VAL A 159 -13.75 16.80 -10.51
CA VAL A 159 -13.62 16.34 -11.89
C VAL A 159 -12.17 16.49 -12.35
N GLN A 160 -11.59 17.68 -12.11
CA GLN A 160 -10.19 17.94 -12.46
C GLN A 160 -9.27 16.96 -11.78
N GLY A 161 -9.47 16.76 -10.48
CA GLY A 161 -8.65 15.85 -9.70
C GLY A 161 -8.65 14.43 -10.25
N ILE A 162 -9.85 13.88 -10.46
CA ILE A 162 -9.95 12.49 -10.88
C ILE A 162 -9.47 12.31 -12.33
N GLN A 163 -9.71 13.30 -13.16
CA GLN A 163 -9.24 13.22 -14.55
C GLN A 163 -7.73 13.39 -14.66
N SER A 164 -7.12 14.06 -13.69
CA SER A 164 -5.66 14.17 -13.64
C SER A 164 -5.01 12.77 -13.54
N LEU A 165 -5.76 11.81 -12.99
CA LEU A 165 -5.27 10.45 -12.83
C LEU A 165 -5.68 9.50 -13.97
N TYR A 166 -6.90 9.66 -14.48
CA TYR A 166 -7.48 8.68 -15.43
C TYR A 166 -7.91 9.25 -16.78
N GLY A 167 -7.93 10.57 -16.89
CA GLY A 167 -8.54 11.22 -18.06
C GLY A 167 -10.05 11.05 -18.04
N PRO A 168 -10.74 11.58 -19.06
CA PRO A 168 -12.20 11.51 -19.13
C PRO A 168 -12.65 10.16 -19.69
N GLY A 169 -13.94 9.86 -19.57
CA GLY A 169 -14.50 8.60 -20.11
C GLY A 169 -14.29 8.46 -21.61
N ASP A 170 -14.52 9.56 -22.33
CA ASP A 170 -14.31 9.60 -23.77
C ASP A 170 -14.23 11.06 -24.21
N TYR B 4 -7.70 20.73 -5.96
CA TYR B 4 -7.69 19.29 -5.61
C TYR B 4 -6.28 18.88 -5.20
N ASN B 5 -6.17 17.69 -4.60
CA ASN B 5 -4.87 17.10 -4.30
C ASN B 5 -4.92 15.61 -4.54
N VAL B 6 -3.86 15.08 -5.15
CA VAL B 6 -3.71 13.64 -5.25
C VAL B 6 -2.68 13.21 -4.21
N PHE B 7 -2.61 11.91 -3.92
CA PHE B 7 -1.65 11.40 -2.95
C PHE B 7 -0.23 11.59 -3.46
N PRO B 8 0.74 11.78 -2.54
CA PRO B 8 2.14 11.88 -2.96
C PRO B 8 2.54 10.70 -3.83
N ARG B 9 3.36 10.98 -4.84
CA ARG B 9 3.84 9.95 -5.74
C ARG B 9 4.83 9.02 -5.05
N THR B 10 4.84 7.76 -5.45
CA THR B 10 5.81 6.78 -4.99
C THR B 10 7.04 6.84 -5.88
N LEU B 11 8.03 7.64 -5.48
CA LEU B 11 9.23 7.85 -6.27
C LEU B 11 10.45 7.15 -5.68
N LYS B 12 11.47 6.95 -6.51
CA LYS B 12 12.77 6.45 -6.06
C LYS B 12 13.37 7.44 -5.04
N TRP B 13 14.30 6.96 -4.22
CA TRP B 13 14.98 7.83 -3.27
C TRP B 13 15.62 9.03 -3.97
N SER B 14 15.38 10.22 -3.43
CA SER B 14 15.88 11.46 -4.02
C SER B 14 17.30 11.76 -3.54
N LYS B 15 17.84 10.87 -2.71
CA LYS B 15 19.19 10.98 -2.18
C LYS B 15 19.93 9.67 -2.44
N MET B 16 21.25 9.75 -2.57
CA MET B 16 22.10 8.57 -2.79
C MET B 16 22.58 7.95 -1.50
N ASN B 17 22.64 8.77 -0.44
CA ASN B 17 23.05 8.30 0.87
C ASN B 17 21.83 7.91 1.70
N LEU B 18 21.74 6.62 2.02
CA LEU B 18 20.61 6.10 2.79
C LEU B 18 21.10 5.52 4.11
N THR B 19 20.28 5.64 5.15
CA THR B 19 20.58 5.04 6.44
C THR B 19 19.78 3.77 6.65
N TYR B 20 20.33 2.85 7.44
CA TYR B 20 19.60 1.67 7.88
C TYR B 20 19.86 1.39 9.34
N ARG B 21 18.93 0.66 9.96
CA ARG B 21 19.07 0.24 11.34
C ARG B 21 18.54 -1.17 11.51
N ILE B 22 19.34 -2.03 12.13
CA ILE B 22 18.90 -3.37 12.49
C ILE B 22 18.29 -3.26 13.89
N VAL B 23 16.97 -3.33 13.95
CA VAL B 23 16.22 -3.03 15.17
C VAL B 23 16.33 -4.16 16.20
N ASN B 24 16.17 -5.39 15.72
CA ASN B 24 16.31 -6.57 16.58
C ASN B 24 16.94 -7.74 15.79
N TYR B 25 17.17 -8.84 16.49
CA TYR B 25 17.93 -9.96 15.95
C TYR B 25 17.22 -11.27 16.13
N THR B 26 17.22 -12.08 15.07
CA THR B 26 16.69 -13.43 15.11
C THR B 26 17.54 -14.34 16.03
N PRO B 27 16.90 -15.27 16.77
CA PRO B 27 17.67 -16.27 17.51
C PRO B 27 18.40 -17.27 16.61
N ASP B 28 18.05 -17.30 15.32
CA ASP B 28 18.48 -18.37 14.40
C ASP B 28 19.97 -18.37 14.11
N MET B 29 20.57 -17.19 14.11
CA MET B 29 21.97 -17.00 13.74
C MET B 29 22.64 -16.18 14.83
N THR B 30 23.97 -16.23 14.88
CA THR B 30 24.70 -15.38 15.80
C THR B 30 24.49 -13.93 15.42
N HIS B 31 24.57 -13.06 16.40
CA HIS B 31 24.53 -11.61 16.22
C HIS B 31 25.43 -11.16 15.03
N SER B 32 26.67 -11.65 15.01
CA SER B 32 27.62 -11.25 13.97
C SER B 32 27.21 -11.70 12.57
N GLU B 33 26.69 -12.92 12.46
CA GLU B 33 26.23 -13.46 11.17
C GLU B 33 25.04 -12.65 10.63
N VAL B 34 24.15 -12.23 11.53
CA VAL B 34 23.01 -11.41 11.15
C VAL B 34 23.51 -10.08 10.57
N GLU B 35 24.37 -9.40 11.31
CA GLU B 35 24.95 -8.13 10.87
C GLU B 35 25.63 -8.20 9.50
N LYS B 36 26.47 -9.22 9.33
CA LYS B 36 27.21 -9.42 8.08
C LYS B 36 26.27 -9.66 6.91
N ALA B 37 25.20 -10.42 7.16
CA ALA B 37 24.21 -10.73 6.12
C ALA B 37 23.55 -9.47 5.57
N PHE B 38 23.11 -8.60 6.48
CA PHE B 38 22.49 -7.34 6.10
C PHE B 38 23.48 -6.40 5.43
N LYS B 39 24.69 -6.34 5.96
CA LYS B 39 25.74 -5.50 5.36
C LYS B 39 26.07 -5.95 3.93
N LYS B 40 26.18 -7.26 3.74
CA LYS B 40 26.48 -7.84 2.43
C LYS B 40 25.33 -7.57 1.46
N ALA B 41 24.10 -7.69 1.96
CA ALA B 41 22.90 -7.42 1.15
C ALA B 41 22.83 -5.99 0.64
N PHE B 42 23.25 -5.03 1.45
CA PHE B 42 23.34 -3.63 1.01
C PHE B 42 24.45 -3.42 -0.01
N LYS B 43 25.55 -4.16 0.17
CA LYS B 43 26.70 -4.07 -0.74
C LYS B 43 26.32 -4.53 -2.16
N VAL B 44 25.40 -5.48 -2.25
CA VAL B 44 24.85 -5.96 -3.53
C VAL B 44 24.42 -4.79 -4.42
N TRP B 45 23.73 -3.82 -3.82
CA TRP B 45 23.18 -2.68 -4.57
C TRP B 45 24.15 -1.51 -4.68
N SER B 46 24.92 -1.26 -3.62
CA SER B 46 25.91 -0.18 -3.64
C SER B 46 27.06 -0.46 -4.61
N ASP B 47 27.37 -1.75 -4.82
CA ASP B 47 28.44 -2.16 -5.76
C ASP B 47 28.16 -1.76 -7.22
N VAL B 48 26.88 -1.62 -7.58
CA VAL B 48 26.47 -1.36 -8.96
C VAL B 48 25.78 -0.01 -9.19
N THR B 49 25.74 0.82 -8.15
CA THR B 49 25.08 2.13 -8.20
C THR B 49 25.91 3.13 -7.38
N PRO B 50 25.54 4.43 -7.42
CA PRO B 50 26.17 5.38 -6.50
C PRO B 50 25.56 5.37 -5.08
N LEU B 51 24.62 4.45 -4.82
CA LEU B 51 23.97 4.34 -3.51
C LEU B 51 24.98 4.06 -2.39
N ASN B 52 24.80 4.72 -1.25
CA ASN B 52 25.67 4.54 -0.09
C ASN B 52 24.78 4.23 1.12
N PHE B 53 25.19 3.25 1.91
CA PHE B 53 24.40 2.86 3.07
C PHE B 53 25.18 3.03 4.37
N THR B 54 24.58 3.79 5.30
CA THR B 54 25.19 4.08 6.60
C THR B 54 24.33 3.46 7.69
N ARG B 55 24.97 2.67 8.57
CA ARG B 55 24.26 2.04 9.67
C ARG B 55 24.08 2.98 10.86
N LEU B 56 22.86 3.05 11.35
CA LEU B 56 22.55 3.75 12.60
C LEU B 56 22.24 2.70 13.66
N HIS B 57 22.76 2.92 14.86
CA HIS B 57 22.51 2.01 15.98
C HIS B 57 21.28 2.40 16.79
N ASP B 58 20.81 3.63 16.59
CA ASP B 58 19.65 4.16 17.28
C ASP B 58 18.88 5.09 16.36
N GLY B 59 17.62 5.35 16.68
CA GLY B 59 16.83 6.34 15.98
C GLY B 59 16.14 5.85 14.72
N ILE B 60 15.72 6.79 13.89
CA ILE B 60 14.91 6.48 12.72
C ILE B 60 15.80 6.53 11.48
N ALA B 61 16.05 5.35 10.92
CA ALA B 61 16.78 5.25 9.66
C ALA B 61 15.81 5.18 8.50
N ASP B 62 16.30 5.46 7.30
CA ASP B 62 15.49 5.32 6.09
C ASP B 62 14.95 3.90 5.98
N ILE B 63 15.85 2.93 6.12
CA ILE B 63 15.50 1.51 6.01
C ILE B 63 15.58 0.85 7.39
N MET B 64 14.43 0.68 8.03
CA MET B 64 14.33 0.02 9.32
C MET B 64 14.14 -1.48 9.11
N ILE B 65 15.04 -2.26 9.71
CA ILE B 65 15.08 -3.71 9.54
C ILE B 65 14.67 -4.37 10.86
N SER B 66 13.72 -5.31 10.79
CA SER B 66 13.34 -6.06 11.99
C SER B 66 12.82 -7.45 11.70
N PHE B 67 12.85 -8.29 12.74
CA PHE B 67 12.30 -9.63 12.70
C PHE B 67 11.02 -9.68 13.49
N GLY B 68 10.07 -10.48 13.03
CA GLY B 68 8.83 -10.65 13.76
C GLY B 68 8.10 -11.91 13.37
N ILE B 69 7.07 -12.24 14.14
CA ILE B 69 6.22 -13.38 13.81
C ILE B 69 4.74 -12.97 13.77
N LYS B 70 3.97 -13.64 12.92
CA LYS B 70 2.53 -13.34 12.76
C LYS B 70 2.29 -11.82 12.67
N GLU B 71 1.34 -11.29 13.43
CA GLU B 71 1.11 -9.83 13.42
C GLU B 71 2.20 -9.11 14.23
N HIS B 72 2.86 -8.16 13.58
CA HIS B 72 4.09 -7.54 14.11
C HIS B 72 4.13 -6.01 13.97
N GLY B 73 2.98 -5.39 13.69
CA GLY B 73 2.85 -3.93 13.74
C GLY B 73 2.57 -3.18 12.46
N ASP B 74 2.15 -3.87 11.40
CA ASP B 74 1.77 -3.19 10.16
C ASP B 74 0.50 -3.72 9.51
N PHE B 75 -0.16 -4.66 10.17
CA PHE B 75 -1.39 -5.31 9.67
C PHE B 75 -1.20 -6.11 8.38
N TYR B 76 0.05 -6.42 8.06
CA TYR B 76 0.38 -7.45 7.07
C TYR B 76 1.07 -8.59 7.80
N PRO B 77 0.30 -9.45 8.47
CA PRO B 77 0.92 -10.44 9.33
C PRO B 77 1.69 -11.50 8.54
N PHE B 78 2.72 -12.05 9.16
CA PHE B 78 3.39 -13.21 8.61
C PHE B 78 2.54 -14.45 8.89
N ASP B 79 2.97 -15.59 8.36
CA ASP B 79 2.09 -16.73 8.17
C ASP B 79 2.68 -18.05 8.66
N GLY B 80 3.65 -17.99 9.57
CA GLY B 80 4.33 -19.19 10.04
C GLY B 80 5.37 -19.67 9.04
N PRO B 81 5.86 -20.92 9.20
CA PRO B 81 6.94 -21.44 8.36
C PRO B 81 6.56 -21.43 6.88
N SER B 82 7.53 -21.11 6.02
CA SER B 82 7.34 -21.10 4.56
C SER B 82 6.35 -20.02 4.10
N GLY B 83 5.89 -20.09 2.85
CA GLY B 83 5.00 -19.07 2.30
C GLY B 83 5.67 -17.71 2.24
N LEU B 84 5.06 -16.72 2.91
CA LEU B 84 5.63 -15.37 3.00
C LEU B 84 6.90 -15.41 3.86
N LEU B 85 8.02 -15.00 3.28
CA LEU B 85 9.32 -15.05 3.98
C LEU B 85 9.66 -13.73 4.65
N ALA B 86 9.21 -12.64 4.03
CA ALA B 86 9.60 -11.30 4.40
C ALA B 86 8.85 -10.32 3.51
N HIS B 87 8.82 -9.05 3.89
CA HIS B 87 8.32 -8.02 3.00
C HIS B 87 9.02 -6.69 3.26
N ALA B 88 8.92 -5.80 2.26
CA ALA B 88 9.51 -4.48 2.36
C ALA B 88 8.61 -3.47 1.67
N PHE B 89 8.70 -2.22 2.12
CA PHE B 89 7.89 -1.13 1.60
C PHE B 89 8.71 -0.33 0.58
N PRO B 90 8.05 0.13 -0.50
CA PRO B 90 8.70 0.98 -1.51
C PRO B 90 9.26 2.25 -0.88
N PRO B 91 10.19 2.95 -1.59
CA PRO B 91 10.79 4.18 -1.05
C PRO B 91 9.74 5.21 -0.62
N GLY B 92 10.03 5.92 0.46
CA GLY B 92 9.13 6.93 1.00
C GLY B 92 9.35 7.15 2.48
N PRO B 93 8.56 8.05 3.09
CA PRO B 93 8.70 8.35 4.52
C PRO B 93 8.17 7.22 5.41
N ASN B 94 8.50 7.28 6.69
CA ASN B 94 7.99 6.34 7.70
C ASN B 94 8.24 4.86 7.33
N TYR B 95 7.18 4.07 7.15
CA TYR B 95 7.33 2.66 6.82
C TYR B 95 8.05 2.43 5.48
N GLY B 96 7.95 3.42 4.59
CA GLY B 96 8.63 3.36 3.29
C GLY B 96 10.08 2.92 3.44
N GLY B 97 10.51 1.97 2.63
CA GLY B 97 11.87 1.46 2.69
C GLY B 97 12.13 0.37 3.73
N ASP B 98 11.25 0.24 4.72
CA ASP B 98 11.45 -0.71 5.82
C ASP B 98 11.34 -2.15 5.35
N ALA B 99 12.05 -3.05 6.04
CA ALA B 99 12.07 -4.46 5.66
C ALA B 99 11.85 -5.34 6.89
N HIS B 100 10.89 -6.26 6.80
CA HIS B 100 10.54 -7.14 7.91
C HIS B 100 10.75 -8.58 7.51
N PHE B 101 11.26 -9.38 8.44
CA PHE B 101 11.57 -10.77 8.16
C PHE B 101 10.82 -11.69 9.12
N ASP B 102 10.21 -12.72 8.53
CA ASP B 102 9.39 -13.67 9.28
C ASP B 102 10.28 -14.65 10.04
N ASP B 103 10.28 -14.54 11.37
CA ASP B 103 11.15 -15.39 12.19
C ASP B 103 10.56 -16.78 12.42
N ASP B 104 9.40 -17.06 11.84
CA ASP B 104 8.94 -18.45 11.75
C ASP B 104 9.69 -19.20 10.64
N GLU B 105 10.45 -18.47 9.82
CA GLU B 105 11.44 -19.10 8.95
C GLU B 105 12.69 -19.40 9.76
N THR B 106 13.48 -20.35 9.27
CA THR B 106 14.80 -20.61 9.82
C THR B 106 15.83 -19.89 8.94
N TRP B 107 16.42 -18.84 9.49
CA TRP B 107 17.36 -17.99 8.77
C TRP B 107 18.77 -18.55 8.88
N THR B 108 19.47 -18.62 7.75
CA THR B 108 20.79 -19.25 7.69
C THR B 108 21.76 -18.51 6.78
N SER B 109 22.97 -19.05 6.67
CA SER B 109 23.95 -18.63 5.67
C SER B 109 24.18 -19.74 4.63
N SER B 110 23.15 -20.56 4.39
CA SER B 110 23.30 -21.74 3.53
C SER B 110 22.04 -22.07 2.72
N SER B 111 22.03 -23.24 2.08
CA SER B 111 20.84 -23.72 1.37
C SER B 111 19.72 -24.16 2.35
N LYS B 112 20.11 -24.44 3.60
CA LYS B 112 19.14 -24.78 4.64
C LYS B 112 18.21 -23.61 4.93
N GLY B 113 16.93 -23.90 5.19
CA GLY B 113 15.93 -22.87 5.42
C GLY B 113 16.00 -21.78 4.36
N TYR B 114 16.03 -20.52 4.81
CA TYR B 114 16.22 -19.41 3.89
C TYR B 114 17.44 -18.60 4.25
N ASN B 115 18.27 -18.35 3.23
CA ASN B 115 19.50 -17.59 3.39
C ASN B 115 19.15 -16.11 3.65
N LEU B 116 19.48 -15.63 4.84
CA LEU B 116 19.13 -14.26 5.26
C LEU B 116 19.66 -13.20 4.31
N PHE B 117 20.95 -13.30 3.98
CA PHE B 117 21.57 -12.38 3.03
C PHE B 117 20.78 -12.30 1.72
N LEU B 118 20.45 -13.46 1.17
CA LEU B 118 19.79 -13.54 -0.13
C LEU B 118 18.40 -12.92 -0.11
N VAL B 119 17.60 -13.28 0.89
CA VAL B 119 16.26 -12.71 1.03
C VAL B 119 16.36 -11.21 1.31
N ALA B 120 17.30 -10.81 2.17
CA ALA B 120 17.51 -9.39 2.45
C ALA B 120 17.89 -8.59 1.19
N ALA B 121 18.77 -9.16 0.36
CA ALA B 121 19.14 -8.53 -0.92
C ALA B 121 17.89 -8.28 -1.77
N HIS B 122 17.05 -9.31 -1.87
CA HIS B 122 15.77 -9.22 -2.57
C HIS B 122 14.88 -8.13 -1.98
N GLU B 123 14.66 -8.17 -0.66
CA GLU B 123 13.82 -7.18 0.01
C GLU B 123 14.34 -5.76 -0.17
N PHE B 124 15.65 -5.58 -0.07
CA PHE B 124 16.24 -4.25 -0.25
C PHE B 124 16.04 -3.73 -1.68
N GLY B 125 15.93 -4.65 -2.63
CA GLY B 125 15.49 -4.30 -4.00
C GLY B 125 14.15 -3.56 -3.96
N HIS B 126 13.19 -4.13 -3.23
CA HIS B 126 11.89 -3.47 -3.00
C HIS B 126 12.08 -2.14 -2.27
N SER B 127 12.88 -2.14 -1.19
CA SER B 127 13.18 -0.91 -0.44
C SER B 127 13.70 0.22 -1.32
N LEU B 128 14.32 -0.13 -2.44
CA LEU B 128 14.99 0.83 -3.32
C LEU B 128 14.18 1.20 -4.55
N GLY B 129 13.03 0.56 -4.73
CA GLY B 129 12.10 0.93 -5.80
C GLY B 129 11.82 -0.13 -6.86
N LEU B 130 12.41 -1.31 -6.70
CA LEU B 130 12.23 -2.39 -7.66
C LEU B 130 11.05 -3.28 -7.29
N ASP B 131 10.18 -3.50 -8.27
CA ASP B 131 9.10 -4.47 -8.15
C ASP B 131 9.64 -5.82 -8.60
N HIS B 132 8.77 -6.83 -8.65
CA HIS B 132 9.20 -8.17 -9.06
C HIS B 132 9.52 -8.24 -10.55
N SER B 133 10.55 -9.02 -10.87
CA SER B 133 10.95 -9.31 -12.24
C SER B 133 10.18 -10.52 -12.76
N LYS B 134 10.00 -10.58 -14.08
CA LYS B 134 9.44 -11.78 -14.73
C LYS B 134 10.54 -12.76 -15.16
N ASP B 135 11.79 -12.32 -15.04
CA ASP B 135 12.96 -13.15 -15.36
C ASP B 135 13.19 -14.14 -14.21
N PRO B 136 13.02 -15.45 -14.47
CA PRO B 136 13.12 -16.47 -13.42
C PRO B 136 14.50 -16.59 -12.76
N GLY B 137 15.53 -16.08 -13.43
CA GLY B 137 16.89 -16.10 -12.89
C GLY B 137 17.28 -14.85 -12.12
N ALA B 138 16.38 -13.86 -12.10
CA ALA B 138 16.67 -12.57 -11.45
C ALA B 138 16.52 -12.64 -9.94
N LEU B 139 17.28 -11.83 -9.23
CA LEU B 139 17.16 -11.71 -7.78
C LEU B 139 15.75 -11.26 -7.41
N MET B 140 15.18 -10.37 -8.23
CA MET B 140 13.85 -9.80 -7.97
C MET B 140 12.69 -10.68 -8.46
N PHE B 141 13.00 -11.88 -8.95
CA PHE B 141 11.96 -12.88 -9.23
C PHE B 141 11.26 -13.25 -7.90
N PRO B 142 9.91 -13.42 -7.93
CA PRO B 142 9.17 -13.65 -6.70
C PRO B 142 9.49 -14.95 -5.97
N ILE B 143 9.95 -15.97 -6.70
CA ILE B 143 10.16 -17.30 -6.11
C ILE B 143 11.62 -17.54 -5.70
N TYR B 144 11.81 -17.85 -4.42
CA TYR B 144 13.13 -18.19 -3.87
C TYR B 144 13.69 -19.46 -4.51
N THR B 145 14.82 -19.33 -5.20
CA THR B 145 15.47 -20.44 -5.88
C THR B 145 16.98 -20.41 -5.68
N TYR B 146 17.45 -21.11 -4.65
CA TYR B 146 18.89 -21.20 -4.34
C TYR B 146 19.63 -21.93 -5.46
N THR B 147 20.74 -21.35 -5.93
CA THR B 147 21.49 -21.93 -7.06
C THR B 147 22.69 -22.80 -6.66
N GLY B 148 23.01 -22.83 -5.37
CA GLY B 148 24.07 -23.73 -4.87
C GLY B 148 25.50 -23.28 -5.15
N LYS B 149 25.64 -22.16 -5.85
CA LYS B 149 26.95 -21.54 -6.08
C LYS B 149 27.40 -20.86 -4.79
N SER B 150 28.71 -20.86 -4.54
CA SER B 150 29.24 -20.32 -3.29
C SER B 150 29.37 -18.81 -3.32
N HIS B 151 29.43 -18.22 -4.51
CA HIS B 151 29.62 -16.78 -4.64
C HIS B 151 28.41 -16.11 -5.28
N PHE B 152 27.88 -15.10 -4.59
CA PHE B 152 26.75 -14.34 -5.11
C PHE B 152 27.17 -13.46 -6.29
N MET B 153 26.37 -13.51 -7.35
CA MET B 153 26.50 -12.58 -8.46
C MET B 153 25.12 -11.98 -8.73
N LEU B 154 25.05 -10.66 -8.78
CA LEU B 154 23.79 -9.97 -9.08
C LEU B 154 23.45 -10.17 -10.56
N PRO B 155 22.32 -10.88 -10.84
CA PRO B 155 21.91 -11.11 -12.22
C PRO B 155 21.72 -9.83 -13.01
N ASP B 156 22.01 -9.89 -14.30
CA ASP B 156 22.01 -8.71 -15.18
C ASP B 156 20.69 -7.93 -15.16
N ASP B 157 19.58 -8.66 -15.08
CA ASP B 157 18.25 -8.04 -15.04
C ASP B 157 18.14 -7.05 -13.88
N ASP B 158 18.61 -7.48 -12.71
CA ASP B 158 18.58 -6.65 -11.50
C ASP B 158 19.55 -5.47 -11.60
N VAL B 159 20.70 -5.68 -12.24
CA VAL B 159 21.66 -4.59 -12.47
C VAL B 159 21.02 -3.51 -13.36
N GLN B 160 20.41 -3.94 -14.46
CA GLN B 160 19.72 -3.03 -15.38
C GLN B 160 18.57 -2.30 -14.69
N GLY B 161 17.80 -3.02 -13.88
CA GLY B 161 16.68 -2.44 -13.13
C GLY B 161 17.11 -1.34 -12.19
N ILE B 162 18.06 -1.66 -11.31
CA ILE B 162 18.51 -0.70 -10.30
C ILE B 162 19.24 0.50 -10.92
N GLN B 163 19.99 0.26 -12.00
CA GLN B 163 20.70 1.33 -12.70
C GLN B 163 19.76 2.24 -13.49
N SER B 164 18.61 1.71 -13.88
CA SER B 164 17.58 2.53 -14.54
C SER B 164 17.04 3.60 -13.58
N LEU B 165 17.18 3.33 -12.28
CA LEU B 165 16.76 4.24 -11.22
C LEU B 165 17.85 5.18 -10.73
N TYR B 166 19.04 4.62 -10.47
CA TYR B 166 20.11 5.37 -9.80
C TYR B 166 21.40 5.52 -10.61
N GLY B 167 21.45 4.86 -11.77
CA GLY B 167 22.65 4.87 -12.60
C GLY B 167 23.71 3.91 -12.11
N PRO B 168 24.81 3.77 -12.87
CA PRO B 168 25.89 2.85 -12.48
C PRO B 168 26.79 3.42 -11.38
N GLY B 169 27.61 2.57 -10.78
CA GLY B 169 28.57 2.98 -9.77
C GLY B 169 29.61 3.94 -10.31
#